data_5RZB
#
_entry.id   5RZB
#
_cell.length_a   38.550
_cell.length_b   77.200
_cell.length_c   99.590
_cell.angle_alpha   90.000
_cell.angle_beta   90.000
_cell.angle_gamma   90.000
#
_symmetry.space_group_name_H-M   'P 21 21 21'
#
loop_
_entity.id
_entity.type
_entity.pdbx_description
1 polymer 'Isoform 2 of Band 4.1-like protein 3'
2 non-polymer 4-amino-N-(pyridin-2-yl)benzenesulfonamide
3 non-polymer 'DIMETHYL SULFOXIDE'
4 non-polymer 1,2-ETHANEDIOL
5 water water
#
_entity_poly.entity_id   1
_entity_poly.type   'polypeptide(L)'
_entity_poly.pdbx_seq_one_letter_code
;SMPKSMQCKVILLDGSEYTCDVEKRSRGQVLFDKVCEHLNLLEKDYFGLTYRDAENQKNWLDPAKEIKKQVRSGAWHFSF
NVKFYPPDPAQLSEDITRYYLCLQLRDDIVSGRLPCSFVTLALLGSYTVQSELGDYDPDECGSDYISEFRFAPNHTKELE
DKVIELHKSHRGMTPAEAEMHFLENAKKLSMYGVDLHHAKDSEGVEIMLGVCASGLLIYRDRLRINRFAWPKVLKISYKR
NNFYIKIRPGEFEQFESTIGFKLPNHRAAKRLWKVCVEHHTFFRLL
;
_entity_poly.pdbx_strand_id   A
#
loop_
_chem_comp.id
_chem_comp.type
_chem_comp.name
_chem_comp.formula
DMS non-polymer 'DIMETHYL SULFOXIDE' 'C2 H6 O S'
EDO non-polymer 1,2-ETHANEDIOL 'C2 H6 O2'
SFY non-polymer 4-amino-N-(pyridin-2-yl)benzenesulfonamide 'C11 H11 N3 O2 S'
#
# COMPACT_ATOMS: atom_id res chain seq x y z
N PRO A 3 27.20 -18.74 -15.56
CA PRO A 3 26.56 -17.49 -15.13
C PRO A 3 25.80 -17.71 -13.79
N LYS A 4 26.31 -17.16 -12.69
CA LYS A 4 25.85 -17.54 -11.33
C LYS A 4 24.53 -16.85 -10.96
N SER A 5 23.59 -17.62 -10.43
N SER A 5 23.58 -17.65 -10.48
CA SER A 5 22.20 -17.18 -10.14
CA SER A 5 22.21 -17.23 -10.12
C SER A 5 21.86 -17.35 -8.66
C SER A 5 22.08 -17.15 -8.60
N MET A 6 21.08 -16.40 -8.12
CA MET A 6 20.71 -16.35 -6.70
C MET A 6 19.24 -16.73 -6.64
N GLN A 7 18.86 -17.53 -5.66
CA GLN A 7 17.46 -17.92 -5.45
C GLN A 7 16.71 -16.74 -4.83
N CYS A 8 15.55 -16.40 -5.34
CA CYS A 8 14.71 -15.33 -4.78
C CYS A 8 13.42 -15.94 -4.25
N LYS A 9 13.01 -15.55 -3.06
CA LYS A 9 11.71 -15.97 -2.51
C LYS A 9 10.85 -14.70 -2.36
N VAL A 10 9.63 -14.76 -2.89
CA VAL A 10 8.70 -13.61 -2.90
C VAL A 10 7.43 -14.03 -2.24
N ILE A 11 7.02 -13.34 -1.18
CA ILE A 11 5.69 -13.56 -0.57
C ILE A 11 4.65 -12.81 -1.41
N LEU A 12 3.72 -13.57 -1.96
CA LEU A 12 2.64 -13.02 -2.82
C LEU A 12 1.47 -12.54 -1.95
N LEU A 13 0.56 -11.77 -2.53
CA LEU A 13 -0.51 -11.12 -1.75
C LEU A 13 -1.52 -12.16 -1.27
N ASP A 14 -1.54 -13.38 -1.85
CA ASP A 14 -2.41 -14.46 -1.30
C ASP A 14 -1.70 -15.17 -0.14
N GLY A 15 -0.48 -14.74 0.18
CA GLY A 15 0.31 -15.31 1.30
C GLY A 15 1.15 -16.51 0.89
N SER A 16 1.09 -16.91 -0.36
CA SER A 16 1.94 -18.02 -0.89
C SER A 16 3.32 -17.48 -1.28
N GLU A 17 4.25 -18.40 -1.50
CA GLU A 17 5.69 -18.10 -1.76
C GLU A 17 6.00 -18.47 -3.20
N TYR A 18 6.47 -17.52 -4.00
CA TYR A 18 7.02 -17.77 -5.34
C TYR A 18 8.53 -17.77 -5.23
N THR A 19 9.15 -18.81 -5.79
CA THR A 19 10.61 -18.98 -5.81
C THR A 19 11.07 -18.92 -7.25
N CYS A 20 12.12 -18.17 -7.50
CA CYS A 20 12.79 -18.15 -8.83
C CYS A 20 14.26 -17.81 -8.63
N ASP A 21 15.00 -17.85 -9.72
CA ASP A 21 16.44 -17.59 -9.74
C ASP A 21 16.67 -16.43 -10.70
N VAL A 22 17.56 -15.53 -10.33
CA VAL A 22 18.04 -14.48 -11.27
C VAL A 22 19.56 -14.44 -11.20
N GLU A 23 20.21 -13.97 -12.25
CA GLU A 23 21.68 -13.80 -12.24
C GLU A 23 22.04 -12.83 -11.11
N LYS A 24 23.15 -13.06 -10.40
CA LYS A 24 23.42 -12.37 -9.11
C LYS A 24 23.63 -10.85 -9.31
N ARG A 25 23.98 -10.36 -10.52
CA ARG A 25 24.14 -8.91 -10.80
C ARG A 25 22.84 -8.32 -11.38
N SER A 26 21.75 -9.06 -11.34
CA SER A 26 20.43 -8.61 -11.87
C SER A 26 19.95 -7.34 -11.17
N ARG A 27 19.34 -6.46 -11.96
CA ARG A 27 18.57 -5.29 -11.52
C ARG A 27 17.20 -5.75 -11.01
N GLY A 28 16.59 -4.96 -10.14
CA GLY A 28 15.29 -5.32 -9.54
C GLY A 28 14.25 -5.63 -10.61
N GLN A 29 14.27 -4.90 -11.74
CA GLN A 29 13.23 -5.05 -12.76
C GLN A 29 13.17 -6.51 -13.20
N VAL A 30 14.33 -7.18 -13.29
CA VAL A 30 14.38 -8.60 -13.77
C VAL A 30 13.46 -9.47 -12.91
N LEU A 31 13.63 -9.39 -11.59
CA LEU A 31 12.82 -10.18 -10.64
C LEU A 31 11.36 -9.75 -10.72
N PHE A 32 11.11 -8.48 -10.69
CA PHE A 32 9.74 -7.95 -10.75
C PHE A 32 9.01 -8.49 -12.00
N ASP A 33 9.66 -8.42 -13.16
CA ASP A 33 9.06 -8.92 -14.43
C ASP A 33 8.69 -10.39 -14.25
N LYS A 34 9.58 -11.22 -13.68
CA LYS A 34 9.28 -12.64 -13.48
C LYS A 34 8.07 -12.78 -12.55
N VAL A 35 7.99 -11.98 -11.49
CA VAL A 35 6.86 -12.15 -10.54
C VAL A 35 5.57 -11.75 -11.25
N CYS A 36 5.60 -10.64 -11.96
CA CYS A 36 4.39 -10.16 -12.66
C CYS A 36 3.94 -11.14 -13.74
N GLU A 37 4.88 -11.75 -14.46
CA GLU A 37 4.47 -12.80 -15.44
C GLU A 37 3.81 -13.96 -14.69
N HIS A 38 4.38 -14.39 -13.58
CA HIS A 38 3.80 -15.48 -12.76
C HIS A 38 2.35 -15.11 -12.37
N LEU A 39 2.11 -13.84 -12.04
CA LEU A 39 0.79 -13.36 -11.57
C LEU A 39 -0.14 -13.02 -12.75
N ASN A 40 0.30 -13.12 -14.01
CA ASN A 40 -0.49 -12.69 -15.20
C ASN A 40 -0.92 -11.22 -15.05
N LEU A 41 -0.01 -10.40 -14.55
CA LEU A 41 -0.29 -8.97 -14.25
C LEU A 41 0.36 -8.13 -15.34
N LEU A 42 -0.48 -7.33 -16.03
CA LEU A 42 -0.03 -6.44 -17.13
C LEU A 42 0.07 -4.99 -16.66
N GLU A 43 -0.82 -4.56 -15.78
CA GLU A 43 -0.83 -3.19 -15.25
C GLU A 43 0.16 -3.12 -14.09
N LYS A 44 1.42 -3.27 -14.42
CA LYS A 44 2.51 -3.45 -13.43
C LYS A 44 2.88 -2.14 -12.73
N ASP A 45 2.53 -0.98 -13.31
CA ASP A 45 3.00 0.35 -12.85
C ASP A 45 2.61 0.63 -11.39
N TYR A 46 1.55 0.02 -10.86
CA TYR A 46 1.03 0.33 -9.50
C TYR A 46 1.77 -0.52 -8.46
N PHE A 47 2.62 -1.46 -8.87
CA PHE A 47 3.13 -2.49 -7.94
C PHE A 47 4.66 -2.39 -7.81
N GLY A 48 5.19 -3.13 -6.84
CA GLY A 48 6.64 -3.23 -6.65
C GLY A 48 6.96 -4.35 -5.68
N LEU A 49 8.24 -4.53 -5.45
CA LEU A 49 8.71 -5.52 -4.45
C LEU A 49 9.30 -4.75 -3.28
N THR A 50 9.11 -5.29 -2.10
CA THR A 50 9.72 -4.74 -0.89
C THR A 50 10.71 -5.78 -0.37
N TYR A 51 11.67 -5.31 0.40
CA TYR A 51 12.53 -6.18 1.21
C TYR A 51 12.77 -5.45 2.54
N ARG A 52 13.35 -6.18 3.48
CA ARG A 52 13.69 -5.67 4.84
C ARG A 52 15.19 -5.37 4.86
N ASP A 53 15.59 -4.18 5.31
CA ASP A 53 17.01 -3.73 5.34
C ASP A 53 17.61 -4.27 6.63
N ALA A 54 18.88 -3.92 6.89
CA ALA A 54 19.66 -4.45 8.02
C ALA A 54 19.05 -3.95 9.34
N GLU A 55 18.28 -2.85 9.29
CA GLU A 55 17.53 -2.30 10.45
C GLU A 55 16.09 -2.87 10.52
N ASN A 56 15.73 -3.80 9.63
CA ASN A 56 14.39 -4.47 9.53
C ASN A 56 13.29 -3.49 9.08
N GLN A 57 13.63 -2.43 8.35
CA GLN A 57 12.61 -1.50 7.81
C GLN A 57 12.26 -2.04 6.42
N LYS A 58 10.99 -1.96 6.04
CA LYS A 58 10.49 -2.20 4.66
C LYS A 58 11.11 -1.16 3.75
N ASN A 59 11.74 -1.61 2.68
CA ASN A 59 12.26 -0.76 1.59
C ASN A 59 11.65 -1.25 0.28
N TRP A 60 11.33 -0.32 -0.63
CA TRP A 60 11.05 -0.66 -2.02
C TRP A 60 12.34 -1.11 -2.71
N LEU A 61 12.26 -2.22 -3.42
CA LEU A 61 13.36 -2.65 -4.31
C LEU A 61 13.32 -1.73 -5.51
N ASP A 62 14.42 -1.00 -5.74
CA ASP A 62 14.52 -0.09 -6.90
C ASP A 62 14.74 -0.92 -8.15
N PRO A 63 13.79 -0.94 -9.10
CA PRO A 63 13.94 -1.81 -10.27
C PRO A 63 15.12 -1.45 -11.18
N ALA A 64 15.63 -0.23 -11.06
CA ALA A 64 16.74 0.24 -11.92
C ALA A 64 18.10 -0.08 -11.31
N LYS A 65 18.16 -0.58 -10.08
CA LYS A 65 19.44 -0.84 -9.37
C LYS A 65 19.65 -2.32 -9.14
N GLU A 66 20.90 -2.73 -9.01
CA GLU A 66 21.23 -4.14 -8.73
C GLU A 66 20.54 -4.59 -7.43
N ILE A 67 19.97 -5.77 -7.45
CA ILE A 67 19.34 -6.36 -6.24
C ILE A 67 20.38 -6.49 -5.12
N LYS A 68 21.57 -7.01 -5.45
CA LYS A 68 22.62 -7.25 -4.42
C LYS A 68 23.03 -5.95 -3.75
N LYS A 69 22.99 -4.79 -4.43
CA LYS A 69 23.39 -3.51 -3.82
C LYS A 69 22.28 -2.92 -2.96
N GLN A 70 21.12 -3.56 -2.93
CA GLN A 70 19.99 -3.13 -2.07
C GLN A 70 19.86 -4.11 -0.91
N VAL A 71 19.80 -5.43 -1.16
CA VAL A 71 19.60 -6.40 -0.05
C VAL A 71 20.91 -6.53 0.73
N ARG A 72 22.03 -6.21 0.07
CA ARG A 72 23.42 -6.12 0.65
C ARG A 72 23.68 -7.41 1.43
N SER A 73 23.63 -7.35 2.76
CA SER A 73 24.04 -8.49 3.60
C SER A 73 22.85 -9.42 3.81
N GLY A 74 21.64 -8.98 3.47
CA GLY A 74 20.41 -9.70 3.83
C GLY A 74 20.05 -10.79 2.86
N ALA A 75 19.04 -11.57 3.24
CA ALA A 75 18.52 -12.68 2.41
C ALA A 75 17.84 -12.08 1.18
N TRP A 76 17.75 -12.85 0.12
CA TRP A 76 17.02 -12.45 -1.11
C TRP A 76 15.55 -12.85 -0.96
N HIS A 77 14.90 -12.19 -0.01
CA HIS A 77 13.50 -12.45 0.34
C HIS A 77 12.77 -11.13 0.15
N PHE A 78 11.60 -11.22 -0.46
CA PHE A 78 10.85 -10.02 -0.89
C PHE A 78 9.37 -10.24 -0.62
N SER A 79 8.60 -9.16 -0.68
CA SER A 79 7.13 -9.24 -0.77
C SER A 79 6.67 -8.49 -2.01
N PHE A 80 5.61 -8.98 -2.64
CA PHE A 80 4.93 -8.28 -3.75
C PHE A 80 3.82 -7.40 -3.19
N ASN A 81 3.80 -6.10 -3.53
CA ASN A 81 2.92 -5.13 -2.88
C ASN A 81 2.46 -4.08 -3.87
N VAL A 82 1.37 -3.46 -3.51
CA VAL A 82 0.93 -2.22 -4.19
C VAL A 82 1.85 -1.09 -3.71
N LYS A 83 2.38 -0.34 -4.67
CA LYS A 83 3.27 0.78 -4.37
C LYS A 83 2.47 2.08 -4.53
N PHE A 84 1.71 2.19 -5.62
CA PHE A 84 0.90 3.40 -5.93
C PHE A 84 -0.57 3.03 -5.95
N TYR A 85 -1.34 3.49 -4.97
CA TYR A 85 -2.75 3.05 -4.80
C TYR A 85 -3.58 3.95 -5.70
N PRO A 86 -4.25 3.39 -6.72
CA PRO A 86 -4.98 4.24 -7.67
C PRO A 86 -6.13 4.95 -6.97
N PRO A 87 -6.29 6.27 -7.17
CA PRO A 87 -7.39 6.96 -6.50
C PRO A 87 -8.76 6.49 -7.02
N ASP A 88 -8.81 6.05 -8.26
CA ASP A 88 -10.07 5.53 -8.83
C ASP A 88 -9.81 4.20 -9.50
N PRO A 89 -9.90 3.12 -8.70
CA PRO A 89 -9.65 1.78 -9.23
C PRO A 89 -10.57 1.35 -10.39
N ALA A 90 -11.73 2.00 -10.56
CA ALA A 90 -12.62 1.70 -11.72
C ALA A 90 -11.90 2.06 -13.01
N GLN A 91 -10.89 2.90 -12.98
CA GLN A 91 -10.22 3.34 -14.24
C GLN A 91 -9.14 2.33 -14.57
N LEU A 92 -8.85 1.34 -13.73
CA LEU A 92 -7.84 0.33 -14.15
C LEU A 92 -8.40 -0.48 -15.32
N SER A 93 -7.53 -0.94 -16.21
CA SER A 93 -7.98 -1.60 -17.47
C SER A 93 -8.36 -3.06 -17.20
N GLU A 94 -7.77 -3.74 -16.17
CA GLU A 94 -8.01 -5.20 -16.04
C GLU A 94 -8.57 -5.52 -14.65
N ASP A 95 -9.48 -6.47 -14.66
CA ASP A 95 -10.03 -7.02 -13.41
C ASP A 95 -8.90 -7.62 -12.58
N ILE A 96 -7.89 -8.25 -13.18
CA ILE A 96 -6.89 -8.96 -12.34
C ILE A 96 -6.10 -7.91 -11.54
N THR A 97 -5.98 -6.69 -12.07
CA THR A 97 -5.26 -5.62 -11.38
C THR A 97 -6.07 -5.27 -10.15
N ARG A 98 -7.40 -5.12 -10.33
CA ARG A 98 -8.27 -4.76 -9.19
C ARG A 98 -8.23 -5.88 -8.14
N TYR A 99 -8.13 -7.13 -8.57
CA TYR A 99 -8.02 -8.33 -7.69
C TYR A 99 -6.79 -8.19 -6.78
N TYR A 100 -5.62 -7.94 -7.36
CA TYR A 100 -4.39 -7.83 -6.53
C TYR A 100 -4.54 -6.63 -5.61
N LEU A 101 -5.12 -5.51 -6.09
CA LEU A 101 -5.32 -4.33 -5.22
C LEU A 101 -6.23 -4.71 -4.03
N CYS A 102 -7.30 -5.50 -4.25
CA CYS A 102 -8.16 -6.02 -3.18
C CYS A 102 -7.32 -6.82 -2.19
N LEU A 103 -6.45 -7.70 -2.69
CA LEU A 103 -5.70 -8.58 -1.75
C LEU A 103 -4.80 -7.69 -0.90
N GLN A 104 -4.18 -6.67 -1.50
CA GLN A 104 -3.31 -5.79 -0.69
C GLN A 104 -4.14 -5.07 0.38
N LEU A 105 -5.27 -4.51 -0.03
CA LEU A 105 -6.14 -3.78 0.89
C LEU A 105 -6.64 -4.68 2.01
N ARG A 106 -6.96 -5.92 1.72
CA ARG A 106 -7.36 -6.86 2.79
C ARG A 106 -6.24 -6.97 3.83
N ASP A 107 -4.98 -7.00 3.42
CA ASP A 107 -3.84 -7.04 4.37
C ASP A 107 -3.66 -5.70 5.07
N ASP A 108 -3.84 -4.58 4.38
CA ASP A 108 -3.83 -3.24 4.98
C ASP A 108 -4.87 -3.20 6.10
N ILE A 109 -6.03 -3.82 5.90
CA ILE A 109 -7.09 -3.75 6.90
C ILE A 109 -6.75 -4.66 8.09
N VAL A 110 -6.43 -5.93 7.85
CA VAL A 110 -6.20 -6.95 8.92
C VAL A 110 -5.03 -6.44 9.77
N SER A 111 -4.02 -5.85 9.14
CA SER A 111 -2.78 -5.36 9.79
C SER A 111 -3.07 -4.15 10.67
N GLY A 112 -4.19 -3.45 10.47
CA GLY A 112 -4.48 -2.14 11.07
C GLY A 112 -3.82 -0.94 10.43
N ARG A 113 -3.11 -1.06 9.30
CA ARG A 113 -2.56 0.11 8.57
C ARG A 113 -3.69 0.95 8.01
N LEU A 114 -4.82 0.32 7.71
CA LEU A 114 -5.99 1.02 7.11
C LEU A 114 -7.15 0.92 8.07
N PRO A 115 -7.33 1.91 8.95
CA PRO A 115 -8.41 1.86 9.92
C PRO A 115 -9.74 1.95 9.18
N CYS A 116 -10.77 1.39 9.79
N CYS A 116 -10.71 1.17 9.65
CA CYS A 116 -12.05 1.12 9.12
CA CYS A 116 -12.10 1.09 9.13
C CYS A 116 -13.15 0.95 10.18
C CYS A 116 -13.08 1.17 10.30
N SER A 117 -14.30 1.62 10.01
CA SER A 117 -15.45 1.47 10.92
C SER A 117 -15.92 0.01 10.89
N PHE A 118 -16.63 -0.39 11.92
CA PHE A 118 -17.32 -1.68 11.99
C PHE A 118 -18.11 -1.97 10.72
N VAL A 119 -18.96 -1.03 10.32
CA VAL A 119 -19.85 -1.26 9.16
C VAL A 119 -19.00 -1.43 7.90
N THR A 120 -17.96 -0.62 7.70
CA THR A 120 -17.15 -0.76 6.48
C THR A 120 -16.37 -2.07 6.55
N LEU A 121 -15.87 -2.47 7.72
CA LEU A 121 -15.19 -3.80 7.82
C LEU A 121 -16.16 -4.89 7.35
N ALA A 122 -17.40 -4.85 7.81
CA ALA A 122 -18.42 -5.86 7.46
C ALA A 122 -18.75 -5.80 5.97
N LEU A 123 -18.90 -4.60 5.41
CA LEU A 123 -19.23 -4.45 3.98
C LEU A 123 -18.08 -4.99 3.12
N LEU A 124 -16.85 -4.57 3.39
CA LEU A 124 -15.67 -5.08 2.66
C LEU A 124 -15.62 -6.61 2.79
N GLY A 125 -15.77 -7.13 4.01
CA GLY A 125 -15.77 -8.56 4.26
C GLY A 125 -16.82 -9.25 3.40
N SER A 126 -18.05 -8.71 3.37
CA SER A 126 -19.15 -9.30 2.60
C SER A 126 -18.81 -9.37 1.09
N TYR A 127 -18.12 -8.38 0.54
CA TYR A 127 -17.76 -8.39 -0.88
C TYR A 127 -16.67 -9.44 -1.09
N THR A 128 -15.69 -9.50 -0.23
CA THR A 128 -14.64 -10.58 -0.31
C THR A 128 -15.33 -11.95 -0.34
N VAL A 129 -16.23 -12.21 0.59
CA VAL A 129 -16.89 -13.53 0.68
C VAL A 129 -17.65 -13.76 -0.63
N GLN A 130 -18.37 -12.75 -1.11
CA GLN A 130 -19.13 -12.92 -2.36
C GLN A 130 -18.20 -13.26 -3.51
N SER A 131 -17.09 -12.55 -3.65
N SER A 131 -17.05 -12.59 -3.60
CA SER A 131 -16.10 -12.80 -4.73
CA SER A 131 -16.06 -12.73 -4.70
C SER A 131 -15.59 -14.23 -4.61
C SER A 131 -15.33 -14.08 -4.61
N GLU A 132 -15.17 -14.62 -3.41
CA GLU A 132 -14.43 -15.91 -3.19
C GLU A 132 -15.34 -17.14 -3.09
N LEU A 133 -16.51 -17.05 -2.47
CA LEU A 133 -17.40 -18.24 -2.31
C LEU A 133 -18.62 -18.14 -3.22
N GLY A 134 -18.92 -16.95 -3.75
CA GLY A 134 -20.16 -16.75 -4.52
C GLY A 134 -21.32 -16.53 -3.57
N ASP A 135 -22.51 -16.95 -3.99
CA ASP A 135 -23.76 -16.61 -3.29
C ASP A 135 -23.79 -17.23 -1.90
N TYR A 136 -24.42 -16.53 -0.97
CA TYR A 136 -24.67 -16.95 0.41
C TYR A 136 -25.34 -18.32 0.39
N ASP A 137 -24.78 -19.22 1.19
CA ASP A 137 -25.31 -20.59 1.40
C ASP A 137 -25.54 -20.78 2.90
N PRO A 138 -26.81 -20.94 3.34
CA PRO A 138 -27.10 -21.20 4.75
C PRO A 138 -26.49 -22.53 5.23
N ASP A 139 -26.23 -23.47 4.31
CA ASP A 139 -25.70 -24.81 4.64
C ASP A 139 -24.31 -24.72 5.29
N GLU A 140 -23.56 -23.64 5.02
CA GLU A 140 -22.21 -23.42 5.59
C GLU A 140 -22.31 -22.49 6.81
N CYS A 141 -23.33 -21.64 6.87
CA CYS A 141 -23.47 -20.56 7.89
C CYS A 141 -24.65 -20.83 8.84
N GLY A 142 -24.36 -21.33 10.05
CA GLY A 142 -25.32 -21.45 11.16
C GLY A 142 -25.24 -20.22 12.05
N SER A 143 -26.02 -20.16 13.14
CA SER A 143 -26.02 -19.00 14.07
C SER A 143 -24.63 -18.85 14.72
N ASP A 144 -23.76 -19.87 14.67
CA ASP A 144 -22.43 -19.87 15.33
C ASP A 144 -21.30 -19.74 14.30
N TYR A 145 -21.58 -19.31 13.07
CA TYR A 145 -20.58 -19.27 11.98
C TYR A 145 -19.46 -18.25 12.27
N ILE A 146 -18.22 -18.71 12.10
CA ILE A 146 -17.00 -17.85 12.00
C ILE A 146 -16.25 -18.19 10.70
N SER A 147 -16.10 -17.20 9.82
CA SER A 147 -15.42 -17.33 8.51
C SER A 147 -13.94 -17.64 8.70
N GLU A 148 -13.35 -18.36 7.74
CA GLU A 148 -11.89 -18.56 7.68
C GLU A 148 -11.22 -17.25 7.25
N PHE A 149 -11.97 -16.36 6.58
CA PHE A 149 -11.44 -15.06 6.08
C PHE A 149 -11.19 -14.19 7.31
N ARG A 150 -10.00 -13.64 7.30
CA ARG A 150 -9.52 -12.53 8.13
C ARG A 150 -10.10 -11.26 7.52
N PHE A 151 -10.89 -10.56 8.32
CA PHE A 151 -11.63 -9.32 7.94
C PHE A 151 -11.12 -8.08 8.65
N ALA A 152 -10.43 -8.21 9.78
CA ALA A 152 -10.22 -7.07 10.67
C ALA A 152 -9.05 -7.35 11.60
N PRO A 153 -8.48 -6.29 12.20
CA PRO A 153 -7.40 -6.45 13.16
C PRO A 153 -7.88 -7.23 14.38
N ASN A 154 -9.15 -7.08 14.73
CA ASN A 154 -9.75 -7.83 15.86
C ASN A 154 -11.14 -8.30 15.43
N HIS A 155 -11.34 -9.60 15.45
CA HIS A 155 -12.60 -10.21 15.05
C HIS A 155 -13.52 -10.35 16.25
N THR A 156 -14.79 -10.08 16.03
CA THR A 156 -15.87 -10.31 17.00
C THR A 156 -16.98 -11.13 16.33
N LYS A 157 -17.79 -11.77 17.16
CA LYS A 157 -18.95 -12.53 16.62
C LYS A 157 -19.89 -11.53 15.94
N GLU A 158 -20.06 -10.34 16.52
CA GLU A 158 -20.95 -9.30 15.93
C GLU A 158 -20.45 -9.02 14.50
N LEU A 159 -19.14 -8.94 14.27
CA LEU A 159 -18.64 -8.59 12.91
C LEU A 159 -18.97 -9.73 11.96
N GLU A 160 -18.71 -10.97 12.39
CA GLU A 160 -19.00 -12.17 11.56
C GLU A 160 -20.45 -12.17 11.15
N ASP A 161 -21.35 -11.82 12.10
CA ASP A 161 -22.79 -11.83 11.85
C ASP A 161 -23.10 -10.78 10.77
N LYS A 162 -22.46 -9.61 10.87
CA LYS A 162 -22.81 -8.49 9.97
C LYS A 162 -22.29 -8.82 8.57
N VAL A 163 -21.09 -9.43 8.46
CA VAL A 163 -20.59 -9.95 7.15
C VAL A 163 -21.67 -10.83 6.50
N ILE A 164 -22.21 -11.79 7.24
CA ILE A 164 -23.20 -12.75 6.68
C ILE A 164 -24.45 -11.97 6.28
N GLU A 165 -24.92 -11.06 7.14
CA GLU A 165 -26.16 -10.29 6.82
C GLU A 165 -25.96 -9.56 5.48
N LEU A 166 -24.80 -8.93 5.26
CA LEU A 166 -24.55 -8.18 4.00
C LEU A 166 -24.33 -9.16 2.85
N HIS A 167 -23.66 -10.26 3.12
CA HIS A 167 -23.36 -11.26 2.08
C HIS A 167 -24.69 -11.74 1.48
N LYS A 168 -25.69 -11.90 2.32
CA LYS A 168 -27.01 -12.37 1.85
C LYS A 168 -27.55 -11.40 0.78
N SER A 169 -27.28 -10.10 0.91
CA SER A 169 -27.84 -9.03 0.04
C SER A 169 -27.16 -9.11 -1.33
N HIS A 170 -26.04 -9.84 -1.45
CA HIS A 170 -25.22 -9.74 -2.69
C HIS A 170 -25.49 -10.90 -3.68
N ARG A 171 -26.61 -11.62 -3.56
CA ARG A 171 -26.85 -12.78 -4.47
C ARG A 171 -26.81 -12.33 -5.93
N GLY A 172 -26.09 -13.10 -6.77
CA GLY A 172 -26.01 -12.91 -8.22
C GLY A 172 -24.77 -12.12 -8.58
N MET A 173 -24.05 -11.60 -7.57
CA MET A 173 -22.90 -10.71 -7.84
C MET A 173 -21.72 -11.55 -8.29
N THR A 174 -21.07 -11.16 -9.38
CA THR A 174 -19.91 -11.88 -9.93
C THR A 174 -18.64 -11.39 -9.22
N PRO A 175 -17.54 -12.17 -9.26
CA PRO A 175 -16.32 -11.78 -8.56
C PRO A 175 -15.80 -10.40 -8.94
N ALA A 176 -15.68 -10.07 -10.24
CA ALA A 176 -15.18 -8.74 -10.65
C ALA A 176 -16.12 -7.67 -10.10
N GLU A 177 -17.42 -7.96 -10.10
CA GLU A 177 -18.42 -6.97 -9.65
C GLU A 177 -18.23 -6.71 -8.13
N ALA A 178 -18.01 -7.76 -7.36
CA ALA A 178 -17.87 -7.69 -5.88
C ALA A 178 -16.54 -6.95 -5.59
N GLU A 179 -15.49 -7.30 -6.33
CA GLU A 179 -14.18 -6.65 -6.14
C GLU A 179 -14.30 -5.16 -6.46
N MET A 180 -15.04 -4.79 -7.50
CA MET A 180 -15.20 -3.35 -7.81
C MET A 180 -15.93 -2.68 -6.64
N HIS A 181 -16.98 -3.30 -6.11
CA HIS A 181 -17.68 -2.73 -4.94
C HIS A 181 -16.73 -2.62 -3.75
N PHE A 182 -15.92 -3.64 -3.53
CA PHE A 182 -14.95 -3.56 -2.41
C PHE A 182 -14.13 -2.27 -2.57
N LEU A 183 -13.61 -2.07 -3.79
CA LEU A 183 -12.69 -0.96 -4.06
C LEU A 183 -13.41 0.39 -3.98
N GLU A 184 -14.67 0.46 -4.40
CA GLU A 184 -15.43 1.75 -4.36
C GLU A 184 -15.59 2.19 -2.90
N ASN A 185 -15.70 1.23 -1.98
CA ASN A 185 -15.79 1.53 -0.53
C ASN A 185 -14.39 1.84 0.01
N ALA A 186 -13.41 0.96 -0.25
CA ALA A 186 -12.08 1.10 0.38
C ALA A 186 -11.43 2.42 0.01
N LYS A 187 -11.63 2.86 -1.24
CA LYS A 187 -10.90 4.03 -1.82
C LYS A 187 -11.29 5.29 -1.05
N LYS A 188 -12.42 5.25 -0.35
CA LYS A 188 -12.97 6.46 0.32
C LYS A 188 -12.40 6.62 1.75
N LEU A 189 -11.74 5.59 2.28
CA LEU A 189 -11.26 5.59 3.67
C LEU A 189 -10.13 6.61 3.80
N SER A 190 -10.11 7.33 4.90
CA SER A 190 -9.21 8.51 5.04
C SER A 190 -7.74 8.05 4.97
N MET A 191 -7.41 6.81 5.30
CA MET A 191 -6.00 6.32 5.24
C MET A 191 -5.76 5.43 4.01
N TYR A 192 -6.69 5.34 3.05
CA TYR A 192 -6.46 4.62 1.77
C TYR A 192 -5.18 5.12 1.08
N GLY A 193 -4.29 4.18 0.84
CA GLY A 193 -3.00 4.35 0.13
C GLY A 193 -2.11 5.36 0.81
N VAL A 194 -2.25 5.56 2.11
CA VAL A 194 -1.35 6.54 2.81
C VAL A 194 -0.20 5.74 3.40
N ASP A 195 1.02 6.06 2.99
CA ASP A 195 2.26 5.48 3.54
C ASP A 195 2.73 6.40 4.68
N LEU A 196 2.74 5.90 5.91
CA LEU A 196 2.99 6.72 7.14
C LEU A 196 4.45 6.60 7.59
N HIS A 197 5.04 7.75 7.91
CA HIS A 197 6.44 7.86 8.37
C HIS A 197 6.46 8.63 9.69
N HIS A 198 6.98 8.04 10.76
CA HIS A 198 7.25 8.75 12.04
C HIS A 198 8.29 9.85 11.82
N ALA A 199 8.06 11.03 12.40
CA ALA A 199 8.95 12.21 12.27
C ALA A 199 8.72 13.16 13.44
N LYS A 200 9.58 14.17 13.54
CA LYS A 200 9.42 15.30 14.48
C LYS A 200 9.40 16.58 13.66
N ASP A 201 8.61 17.55 14.11
CA ASP A 201 8.58 18.84 13.40
C ASP A 201 9.83 19.62 13.84
N SER A 202 10.01 20.83 13.32
CA SER A 202 11.16 21.73 13.63
C SER A 202 11.20 22.12 15.11
N GLU A 203 10.23 21.70 15.92
CA GLU A 203 10.17 21.98 17.38
C GLU A 203 10.36 20.70 18.20
N GLY A 204 10.55 19.54 17.57
CA GLY A 204 10.73 18.24 18.26
C GLY A 204 9.42 17.55 18.64
N VAL A 205 8.26 18.08 18.23
CA VAL A 205 6.94 17.48 18.52
C VAL A 205 6.78 16.30 17.55
N GLU A 206 6.43 15.12 18.07
CA GLU A 206 6.27 13.87 17.29
C GLU A 206 5.04 14.01 16.39
N ILE A 207 5.22 13.77 15.09
CA ILE A 207 4.14 13.85 14.09
C ILE A 207 4.27 12.60 13.23
N MET A 208 3.31 12.43 12.32
CA MET A 208 3.36 11.43 11.23
C MET A 208 3.28 12.16 9.89
N LEU A 209 4.09 11.74 8.92
CA LEU A 209 4.01 12.26 7.55
C LEU A 209 3.35 11.14 6.73
N GLY A 210 2.31 11.44 5.99
CA GLY A 210 1.69 10.43 5.12
C GLY A 210 1.98 10.76 3.68
N VAL A 211 2.34 9.77 2.88
CA VAL A 211 2.61 9.98 1.45
C VAL A 211 1.48 9.29 0.67
N CYS A 212 0.88 10.00 -0.27
CA CYS A 212 -0.26 9.40 -1.00
C CYS A 212 -0.44 10.15 -2.31
N ALA A 213 -1.40 9.72 -3.10
CA ALA A 213 -1.65 10.29 -4.44
C ALA A 213 -1.87 11.82 -4.40
N SER A 214 -2.57 12.31 -3.40
CA SER A 214 -2.99 13.74 -3.35
C SER A 214 -1.83 14.61 -2.87
N GLY A 215 -0.86 14.04 -2.16
CA GLY A 215 0.29 14.86 -1.69
C GLY A 215 0.89 14.34 -0.43
N LEU A 216 1.48 15.25 0.31
CA LEU A 216 2.07 14.93 1.61
C LEU A 216 1.13 15.44 2.68
N LEU A 217 0.85 14.59 3.67
CA LEU A 217 -0.06 14.87 4.82
C LEU A 217 0.80 14.98 6.09
N ILE A 218 0.50 15.93 6.96
CA ILE A 218 1.14 16.07 8.30
C ILE A 218 0.07 15.87 9.37
N TYR A 219 0.18 14.78 10.14
CA TYR A 219 -0.71 14.48 11.30
C TYR A 219 0.00 14.97 12.56
N ARG A 220 -0.38 16.17 13.04
CA ARG A 220 0.19 16.81 14.25
C ARG A 220 -0.59 16.33 15.48
N ASP A 221 -1.91 16.53 15.46
CA ASP A 221 -2.88 15.98 16.44
C ASP A 221 -4.19 15.69 15.69
N ARG A 222 -5.20 15.15 16.38
CA ARG A 222 -6.53 14.85 15.78
C ARG A 222 -7.13 16.15 15.22
N LEU A 223 -6.83 17.29 15.87
CA LEU A 223 -7.02 18.66 15.32
C LEU A 223 -5.77 19.03 14.52
N ARG A 224 -5.93 19.81 13.44
CA ARG A 224 -4.82 20.40 12.66
C ARG A 224 -4.07 19.27 11.92
N ILE A 225 -4.60 18.87 10.77
CA ILE A 225 -3.92 18.02 9.75
C ILE A 225 -3.57 18.90 8.55
N ASN A 226 -2.28 19.08 8.28
CA ASN A 226 -1.76 19.90 7.15
C ASN A 226 -1.61 19.00 5.92
N ARG A 227 -1.87 19.53 4.73
CA ARG A 227 -1.90 18.78 3.45
C ARG A 227 -1.16 19.61 2.38
N PHE A 228 -0.20 19.01 1.69
CA PHE A 228 0.56 19.68 0.61
C PHE A 228 0.29 18.88 -0.67
N ALA A 229 -0.60 19.39 -1.53
CA ALA A 229 -0.87 18.78 -2.84
C ALA A 229 0.46 18.73 -3.59
N TRP A 230 0.71 17.66 -4.32
CA TRP A 230 1.98 17.50 -5.05
C TRP A 230 2.28 18.75 -5.88
N PRO A 231 1.33 19.32 -6.66
CA PRO A 231 1.64 20.50 -7.46
C PRO A 231 2.31 21.62 -6.62
N LYS A 232 1.90 21.80 -5.37
CA LYS A 232 2.41 22.86 -4.46
C LYS A 232 3.82 22.54 -3.92
N VAL A 233 4.43 21.40 -4.31
CA VAL A 233 5.78 20.94 -3.87
C VAL A 233 6.74 21.04 -5.06
N LEU A 234 7.82 21.83 -4.97
CA LEU A 234 8.79 21.99 -6.12
C LEU A 234 10.05 21.17 -5.93
N LYS A 235 10.50 20.99 -4.68
CA LYS A 235 11.74 20.23 -4.42
C LYS A 235 11.57 19.44 -3.13
N ILE A 236 11.99 18.18 -3.21
CA ILE A 236 12.04 17.28 -2.04
C ILE A 236 13.52 17.02 -1.79
N SER A 237 13.98 17.15 -0.55
CA SER A 237 15.41 16.96 -0.24
C SER A 237 15.60 16.31 1.13
N TYR A 238 16.73 15.67 1.33
CA TYR A 238 17.13 15.21 2.67
C TYR A 238 18.58 15.59 2.91
N LYS A 239 18.95 15.71 4.18
CA LYS A 239 20.33 16.00 4.62
C LYS A 239 20.44 15.46 6.05
N ARG A 240 21.41 14.58 6.28
CA ARG A 240 21.62 13.90 7.59
C ARG A 240 20.27 13.29 8.02
N ASN A 241 19.74 13.65 9.20
CA ASN A 241 18.49 13.02 9.71
C ASN A 241 17.27 13.84 9.31
N ASN A 242 17.43 14.80 8.40
CA ASN A 242 16.40 15.82 8.11
C ASN A 242 15.83 15.65 6.71
N PHE A 243 14.53 15.96 6.61
CA PHE A 243 13.78 15.88 5.37
C PHE A 243 13.18 17.28 5.17
N TYR A 244 13.27 17.81 3.96
CA TYR A 244 12.77 19.18 3.60
C TYR A 244 11.89 19.14 2.35
N ILE A 245 10.81 19.91 2.34
CA ILE A 245 10.03 20.15 1.09
C ILE A 245 10.03 21.65 0.77
N LYS A 246 10.22 22.02 -0.49
CA LYS A 246 10.13 23.43 -0.96
C LYS A 246 8.68 23.69 -1.41
N ILE A 247 7.93 24.50 -0.64
CA ILE A 247 6.48 24.80 -0.86
C ILE A 247 6.31 26.09 -1.67
N ARG A 248 6.14 25.93 -2.99
CA ARG A 248 5.96 26.95 -4.06
C ARG A 248 5.45 28.28 -3.49
N PRO A 249 5.81 29.45 -4.07
CA PRO A 249 5.27 30.72 -3.59
C PRO A 249 3.75 30.81 -3.86
N GLY A 250 2.96 31.13 -2.84
CA GLY A 250 1.55 31.54 -2.98
C GLY A 250 1.42 32.79 -3.84
N GLU A 251 0.24 33.04 -4.39
CA GLU A 251 0.01 34.22 -5.27
C GLU A 251 0.51 35.46 -4.53
N PHE A 252 1.29 36.30 -5.22
CA PHE A 252 1.76 37.63 -4.72
C PHE A 252 2.78 37.46 -3.59
N GLU A 253 3.24 36.25 -3.28
CA GLU A 253 4.28 36.08 -2.23
C GLU A 253 5.64 36.13 -2.94
N GLN A 254 6.64 36.74 -2.29
CA GLN A 254 7.94 36.97 -2.95
C GLN A 254 8.72 35.64 -2.98
N PHE A 255 8.62 34.80 -1.94
CA PHE A 255 9.57 33.68 -1.72
C PHE A 255 8.86 32.34 -1.59
N GLU A 256 9.51 31.31 -2.16
CA GLU A 256 9.24 29.88 -1.88
C GLU A 256 9.31 29.70 -0.37
N SER A 257 8.69 28.67 0.20
CA SER A 257 8.84 28.40 1.65
C SER A 257 9.33 26.95 1.83
N THR A 258 10.29 26.73 2.71
CA THR A 258 11.00 25.42 2.84
C THR A 258 10.50 24.84 4.17
N ILE A 259 10.06 23.56 4.23
CA ILE A 259 9.55 23.03 5.53
C ILE A 259 10.36 21.79 5.91
N GLY A 260 10.74 21.71 7.18
CA GLY A 260 11.81 20.84 7.72
C GLY A 260 11.31 19.84 8.73
N PHE A 261 11.74 18.57 8.57
CA PHE A 261 11.40 17.52 9.57
C PHE A 261 12.64 16.71 9.98
N LYS A 262 12.57 16.19 11.20
CA LYS A 262 13.59 15.29 11.80
C LYS A 262 13.09 13.85 11.67
N LEU A 263 13.87 13.01 11.03
CA LEU A 263 13.50 11.57 10.91
C LEU A 263 14.35 10.76 11.90
N PRO A 264 13.91 9.53 12.24
CA PRO A 264 14.59 8.69 13.24
C PRO A 264 16.10 8.55 12.99
N ASN A 265 16.51 8.48 11.72
CA ASN A 265 17.92 8.33 11.31
C ASN A 265 18.06 8.71 9.83
N HIS A 266 19.25 8.65 9.28
CA HIS A 266 19.57 9.12 7.91
C HIS A 266 18.87 8.23 6.87
N ARG A 267 18.77 6.94 7.18
CA ARG A 267 18.19 5.98 6.21
C ARG A 267 16.71 6.28 6.11
N ALA A 268 16.06 6.59 7.23
CA ALA A 268 14.61 6.91 7.26
C ALA A 268 14.34 8.24 6.53
N ALA A 269 15.23 9.22 6.59
CA ALA A 269 15.07 10.47 5.81
C ALA A 269 15.20 10.14 4.32
N LYS A 270 16.17 9.32 3.92
CA LYS A 270 16.39 9.03 2.48
C LYS A 270 15.17 8.27 1.93
N ARG A 271 14.69 7.29 2.68
CA ARG A 271 13.52 6.44 2.35
C ARG A 271 12.31 7.35 2.12
N LEU A 272 12.10 8.29 3.02
CA LEU A 272 10.92 9.19 2.89
C LEU A 272 11.10 10.07 1.66
N TRP A 273 12.28 10.66 1.49
CA TRP A 273 12.58 11.45 0.27
C TRP A 273 12.23 10.62 -0.98
N LYS A 274 12.71 9.38 -1.08
CA LYS A 274 12.56 8.58 -2.32
C LYS A 274 11.09 8.27 -2.60
N VAL A 275 10.34 7.87 -1.59
CA VAL A 275 8.89 7.55 -1.79
C VAL A 275 8.14 8.83 -2.17
N CYS A 276 8.50 9.98 -1.62
CA CYS A 276 7.85 11.26 -2.00
C CYS A 276 8.13 11.59 -3.47
N VAL A 277 9.41 11.54 -3.88
CA VAL A 277 9.79 11.81 -5.30
C VAL A 277 9.01 10.87 -6.21
N GLU A 278 8.97 9.60 -5.84
CA GLU A 278 8.31 8.60 -6.71
C GLU A 278 6.81 8.91 -6.78
N HIS A 279 6.15 9.22 -5.67
CA HIS A 279 4.71 9.57 -5.67
C HIS A 279 4.49 10.83 -6.51
N HIS A 280 5.33 11.83 -6.33
CA HIS A 280 5.21 13.15 -7.04
C HIS A 280 5.26 12.87 -8.54
N THR A 281 6.21 12.05 -8.97
CA THR A 281 6.36 11.69 -10.40
C THR A 281 5.13 10.91 -10.88
N PHE A 282 4.71 9.91 -10.13
CA PHE A 282 3.68 8.98 -10.61
C PHE A 282 2.37 9.76 -10.76
N PHE A 283 2.06 10.57 -9.76
CA PHE A 283 0.70 11.17 -9.64
C PHE A 283 0.67 12.57 -10.24
N ARG A 284 1.82 13.07 -10.72
CA ARG A 284 1.94 14.15 -11.74
C ARG A 284 1.51 13.63 -13.14
N LEU A 285 1.77 12.35 -13.45
CA LEU A 285 1.59 11.78 -14.82
C LEU A 285 0.23 11.10 -14.99
N LEU A 286 -0.30 10.51 -13.92
CA LEU A 286 -1.59 9.76 -13.90
C LEU A 286 -2.62 10.51 -14.75
OAB SFY B . -6.20 14.23 2.87
SAQ SFY B . -6.87 13.92 1.67
OAC SFY B . -8.28 13.75 1.73
CAP SFY B . -6.31 12.54 0.98
CAJ SFY B . -5.88 11.45 1.78
CAH SFY B . -5.54 10.23 1.23
CAN SFY B . -5.60 10.05 -0.19
NAA SFY B . -5.27 8.86 -0.78
CAI SFY B . -6.00 11.14 -0.99
CAK SFY B . -6.35 12.34 -0.40
NAM SFY B . -6.65 15.14 0.53
CAO SFY B . -5.48 15.87 0.21
CAG SFY B . -5.52 16.90 -0.77
CAE SFY B . -4.37 17.59 -1.04
CAD SFY B . -3.20 17.28 -0.38
CAF SFY B . -3.22 16.24 0.54
NAL SFY B . -4.33 15.53 0.86
S DMS C . 1.08 -11.37 2.91
O DMS C . 0.12 -10.44 2.22
C1 DMS C . 1.47 -10.57 4.47
C2 DMS C . 0.09 -12.69 3.59
C1 EDO D . -10.80 -7.08 -18.55
O1 EDO D . -10.24 -7.54 -17.33
C2 EDO D . -12.16 -6.54 -18.40
O2 EDO D . -12.29 -5.31 -17.67
C1 EDO E . 2.87 -2.88 3.47
O1 EDO E . 2.92 -4.31 3.40
C2 EDO E . 2.89 -2.26 2.14
O2 EDO E . 4.08 -2.49 1.38
C1 EDO F . 0.76 2.19 8.35
O1 EDO F . 1.99 2.30 9.02
C2 EDO F . 0.57 3.09 7.18
O2 EDO F . 1.74 3.37 6.45
C1 EDO G . -7.54 -14.38 5.02
O1 EDO G . -8.35 -15.46 5.31
C2 EDO G . -8.31 -13.33 4.33
O2 EDO G . -7.84 -11.98 4.50
C1 EDO H . 24.11 1.47 10.58
O1 EDO H . 24.77 0.21 10.77
C2 EDO H . 22.99 1.42 9.58
O2 EDO H . 23.21 2.23 8.41
C1 EDO I . -0.92 1.21 3.42
O1 EDO I . -0.04 0.14 3.66
C2 EDO I . -0.38 2.15 2.42
O2 EDO I . 1.05 2.13 2.48
#